data_4DK7
#
_entry.id   4DK7
#
_cell.length_a   87.261
_cell.length_b   87.261
_cell.length_c   197.709
_cell.angle_alpha   90.000
_cell.angle_beta   90.000
_cell.angle_gamma   90.000
#
_symmetry.space_group_name_H-M   'P 43 21 2'
#
loop_
_entity.id
_entity.type
_entity.pdbx_description
1 polymer 'Oxysterols receptor LXR-beta'
2 polymer 'Nuclear receptor coactivator 1'
3 non-polymer N-[4-(1,1,1,3,3,3-hexafluoro-2-hydroxypropan-2-yl)phenyl]-N-methylbenzenesulfonamide
4 non-polymer 'ACETATE ION'
5 non-polymer 'CALCIUM ION'
6 water water
#
loop_
_entity_poly.entity_id
_entity_poly.type
_entity_poly.pdbx_seq_one_letter_code
_entity_poly.pdbx_strand_id
1 'polypeptide(L)'
;GSH(MSE)QLTAAQEL(MSE)IQQLVAAQLQCNKRSFSDQPKVTPWPLGADPQSRDARQQRFAHFTELAIISVQEIVDFA
KQVPGFLQLGREDQIALLKASTIEI(MSE)LLETARRYNHETECITFLKDFTYSKDDFHRAGLQVEFINPIFEFSRA
(MSE)RRLGLDDAEYALLIAINIFSADRPNVQEPGRVEALQQPYVEALLSYTRIKRPQDQLRFPR(MSE)L(MSE)KLVS
LRTLSSVHSEQVFALRLQDKKLPPLLSEIWDVHE
;
A,C
2 'polypeptide(L)' DHQLLRYLLDKD B,D
#
# COMPACT_ATOMS: atom_id res chain seq x y z
N HIS A 3 -16.31 -19.74 18.27
CA HIS A 3 -14.95 -20.04 17.71
C HIS A 3 -14.99 -21.30 16.85
N GLN A 5 -18.11 -21.83 14.94
CA GLN A 5 -19.21 -21.61 14.01
C GLN A 5 -19.54 -20.12 13.84
N LEU A 6 -19.89 -19.70 12.62
CA LEU A 6 -20.27 -18.31 12.33
C LEU A 6 -21.69 -18.03 12.80
N THR A 7 -21.95 -16.77 13.15
CA THR A 7 -23.33 -16.34 13.40
C THR A 7 -24.09 -16.37 12.10
N ALA A 8 -25.41 -16.42 12.17
CA ALA A 8 -26.24 -16.47 10.98
C ALA A 8 -26.22 -15.16 10.21
N ALA A 9 -26.03 -14.05 10.91
CA ALA A 9 -25.85 -12.76 10.26
C ALA A 9 -24.58 -12.74 9.41
N GLN A 10 -23.49 -13.28 9.97
CA GLN A 10 -22.24 -13.34 9.24
C GLN A 10 -22.33 -14.36 8.12
N GLU A 11 -23.01 -15.47 8.39
CA GLU A 11 -23.07 -16.53 7.40
C GLU A 11 -23.87 -16.03 6.21
N LEU A 12 -24.91 -15.26 6.50
CA LEU A 12 -25.74 -14.66 5.47
C LEU A 12 -24.96 -13.64 4.65
N ILE A 14 -21.87 -13.37 4.02
CA ILE A 14 -20.91 -14.03 3.16
C ILE A 14 -21.56 -14.64 1.92
N GLN A 15 -22.70 -15.31 2.10
CA GLN A 15 -23.37 -15.94 0.97
C GLN A 15 -23.90 -14.92 -0.04
N GLN A 16 -24.35 -13.78 0.45
CA GLN A 16 -24.84 -12.76 -0.48
C GLN A 16 -23.71 -12.22 -1.35
N LEU A 17 -22.55 -11.93 -0.74
CA LEU A 17 -21.39 -11.47 -1.50
C LEU A 17 -20.95 -12.51 -2.50
N VAL A 18 -20.85 -13.75 -2.04
CA VAL A 18 -20.39 -14.80 -2.94
C VAL A 18 -21.35 -14.96 -4.11
N ALA A 19 -22.65 -14.92 -3.81
CA ALA A 19 -23.68 -15.03 -4.83
C ALA A 19 -23.72 -13.81 -5.76
N ALA A 20 -23.50 -12.63 -5.19
CA ALA A 20 -23.41 -11.39 -5.97
C ALA A 20 -22.26 -11.44 -6.97
N GLN A 21 -21.11 -11.91 -6.50
CA GLN A 21 -19.93 -11.98 -7.34
C GLN A 21 -20.17 -12.96 -8.47
N LEU A 22 -20.78 -14.09 -8.15
CA LEU A 22 -21.05 -15.12 -9.15
C LEU A 22 -21.96 -14.55 -10.22
N GLN A 23 -22.95 -13.76 -9.77
CA GLN A 23 -23.93 -13.16 -10.65
C GLN A 23 -23.23 -12.19 -11.59
N CYS A 24 -22.56 -11.19 -11.03
CA CYS A 24 -21.89 -10.15 -11.82
C CYS A 24 -20.89 -10.74 -12.81
N ASN A 25 -20.44 -11.96 -12.55
CA ASN A 25 -19.48 -12.59 -13.43
C ASN A 25 -20.19 -13.35 -14.56
N LYS A 26 -21.45 -13.71 -14.33
CA LYS A 26 -22.28 -14.31 -15.38
C LYS A 26 -22.76 -13.26 -16.38
N ARG A 27 -23.27 -12.14 -15.86
CA ARG A 27 -23.65 -11.01 -16.71
C ARG A 27 -22.43 -10.47 -17.45
N SER A 28 -21.24 -10.85 -16.98
CA SER A 28 -20.01 -10.45 -17.63
C SER A 28 -19.80 -11.28 -18.92
N PHE A 29 -20.21 -12.54 -18.86
CA PHE A 29 -20.17 -13.42 -20.02
C PHE A 29 -20.99 -12.83 -21.18
N SER A 30 -22.14 -12.26 -20.86
CA SER A 30 -22.99 -11.65 -21.88
C SER A 30 -22.86 -10.13 -21.91
N LYS A 34 -18.29 -7.48 -27.25
CA LYS A 34 -17.27 -8.28 -27.91
C LYS A 34 -16.15 -7.38 -28.46
N VAL A 35 -14.90 -7.73 -28.16
CA VAL A 35 -13.80 -6.79 -28.28
C VAL A 35 -12.95 -6.96 -29.53
N THR A 36 -12.17 -5.93 -29.85
CA THR A 36 -11.14 -6.02 -30.87
C THR A 36 -10.43 -7.35 -30.70
N PRO A 37 -10.38 -8.16 -31.78
CA PRO A 37 -9.68 -9.43 -31.69
C PRO A 37 -8.20 -9.20 -31.44
N TRP A 38 -7.49 -10.26 -31.06
CA TRP A 38 -6.05 -10.21 -30.88
C TRP A 38 -5.34 -10.49 -32.22
N PRO A 39 -4.46 -9.58 -32.65
CA PRO A 39 -3.68 -9.73 -33.89
C PRO A 39 -2.76 -10.96 -33.85
N LEU A 40 -2.88 -11.82 -34.86
CA LEU A 40 -2.05 -13.03 -34.92
C LEU A 40 -0.82 -12.83 -35.80
N SER A 46 4.30 -4.73 -37.48
CA SER A 46 3.21 -3.84 -37.84
C SER A 46 2.93 -2.83 -36.72
N ARG A 47 2.67 -1.58 -37.09
CA ARG A 47 2.42 -0.53 -36.11
C ARG A 47 0.94 -0.44 -35.74
N ASP A 48 0.10 -1.00 -36.59
CA ASP A 48 -1.32 -1.12 -36.29
C ASP A 48 -1.57 -2.25 -35.33
N ALA A 49 -0.92 -3.38 -35.59
CA ALA A 49 -1.00 -4.53 -34.70
C ALA A 49 -0.60 -4.09 -33.31
N ARG A 50 0.46 -3.30 -33.22
CA ARG A 50 0.94 -2.80 -31.94
C ARG A 50 -0.16 -2.04 -31.20
N GLN A 51 -0.90 -1.23 -31.94
CA GLN A 51 -1.94 -0.39 -31.35
C GLN A 51 -3.21 -1.19 -31.08
N GLN A 52 -3.37 -2.27 -31.82
CA GLN A 52 -4.55 -3.11 -31.71
C GLN A 52 -4.52 -3.99 -30.46
N ARG A 53 -3.35 -4.56 -30.17
CA ARG A 53 -3.16 -5.35 -28.96
C ARG A 53 -3.49 -4.51 -27.74
N PHE A 54 -3.06 -3.25 -27.78
CA PHE A 54 -3.36 -2.32 -26.71
C PHE A 54 -4.87 -2.11 -26.60
N ALA A 55 -5.52 -1.89 -27.75
CA ALA A 55 -6.96 -1.69 -27.78
C ALA A 55 -7.63 -2.92 -27.15
N HIS A 56 -7.12 -4.08 -27.53
CA HIS A 56 -7.59 -5.36 -26.97
C HIS A 56 -7.54 -5.35 -25.44
N PHE A 57 -6.36 -5.08 -24.89
CA PHE A 57 -6.22 -4.99 -23.44
C PHE A 57 -7.20 -3.99 -22.85
N THR A 58 -7.22 -2.77 -23.39
CA THR A 58 -8.10 -1.72 -22.87
C THR A 58 -9.57 -2.14 -22.89
N GLU A 59 -9.95 -2.93 -23.88
CA GLU A 59 -11.32 -3.42 -23.95
C GLU A 59 -11.62 -4.50 -22.91
N LEU A 60 -10.64 -5.35 -22.63
CA LEU A 60 -10.77 -6.28 -21.52
C LEU A 60 -10.87 -5.48 -20.21
N ALA A 61 -10.14 -4.39 -20.13
CA ALA A 61 -10.15 -3.61 -18.91
C ALA A 61 -11.50 -2.95 -18.69
N ILE A 62 -12.12 -2.49 -19.78
CA ILE A 62 -13.46 -1.90 -19.69
C ILE A 62 -14.45 -2.93 -19.19
N ILE A 63 -14.32 -4.16 -19.67
CA ILE A 63 -15.21 -5.20 -19.21
C ILE A 63 -15.06 -5.41 -17.72
N SER A 64 -13.82 -5.44 -17.25
CA SER A 64 -13.57 -5.59 -15.81
C SER A 64 -14.18 -4.49 -14.98
N VAL A 65 -14.02 -3.24 -15.41
CA VAL A 65 -14.52 -2.11 -14.63
C VAL A 65 -16.02 -2.26 -14.47
N GLN A 66 -16.69 -2.60 -15.56
CA GLN A 66 -18.12 -2.74 -15.52
C GLN A 66 -18.51 -3.82 -14.49
N GLU A 67 -17.83 -4.96 -14.54
CA GLU A 67 -18.13 -6.00 -13.58
C GLU A 67 -17.90 -5.50 -12.15
N ILE A 68 -16.79 -4.79 -11.95
CA ILE A 68 -16.49 -4.25 -10.63
C ILE A 68 -17.55 -3.28 -10.12
N VAL A 69 -18.01 -2.36 -10.96
CA VAL A 69 -19.01 -1.39 -10.51
C VAL A 69 -20.30 -2.13 -10.16
N ASP A 70 -20.67 -3.06 -11.05
CA ASP A 70 -21.82 -3.92 -10.85
C ASP A 70 -21.74 -4.62 -9.48
N PHE A 71 -20.62 -5.26 -9.19
CA PHE A 71 -20.49 -5.96 -7.91
C PHE A 71 -20.50 -5.00 -6.73
N ALA A 72 -19.84 -3.87 -6.85
CA ALA A 72 -19.82 -2.92 -5.73
C ALA A 72 -21.24 -2.43 -5.41
N LYS A 73 -22.07 -2.29 -6.44
CA LYS A 73 -23.45 -1.87 -6.24
C LYS A 73 -24.23 -2.90 -5.42
N GLN A 74 -23.74 -4.14 -5.41
CA GLN A 74 -24.44 -5.22 -4.73
C GLN A 74 -23.88 -5.53 -3.35
N VAL A 75 -22.81 -4.84 -3.00
CA VAL A 75 -22.27 -4.90 -1.64
C VAL A 75 -23.16 -4.07 -0.73
N PRO A 76 -23.74 -4.71 0.28
CA PRO A 76 -24.67 -3.93 1.11
C PRO A 76 -24.04 -2.71 1.73
N GLY A 77 -24.71 -1.58 1.54
CA GLY A 77 -24.27 -0.35 2.17
C GLY A 77 -23.53 0.56 1.23
N PHE A 78 -23.10 0.04 0.08
CA PHE A 78 -22.30 0.84 -0.84
C PHE A 78 -23.11 2.03 -1.41
N LEU A 79 -24.35 1.77 -1.79
CA LEU A 79 -25.21 2.79 -2.38
C LEU A 79 -25.85 3.67 -1.32
N GLN A 80 -25.76 3.26 -0.05
CA GLN A 80 -26.23 4.12 1.03
C GLN A 80 -25.22 5.21 1.32
N LEU A 81 -24.18 5.29 0.50
CA LEU A 81 -23.16 6.31 0.69
C LEU A 81 -23.42 7.46 -0.28
N GLY A 82 -22.85 8.62 0.03
CA GLY A 82 -22.89 9.72 -0.92
C GLY A 82 -22.41 9.27 -2.29
N ARG A 83 -23.17 9.60 -3.32
CA ARG A 83 -22.75 9.34 -4.69
C ARG A 83 -21.29 9.74 -4.94
N GLU A 84 -20.88 10.88 -4.39
CA GLU A 84 -19.53 11.36 -4.61
C GLU A 84 -18.49 10.41 -4.01
N ASP A 85 -18.71 10.01 -2.76
CA ASP A 85 -17.87 9.00 -2.13
C ASP A 85 -17.94 7.64 -2.84
N GLN A 86 -19.08 7.32 -3.46
CA GLN A 86 -19.14 6.15 -4.31
C GLN A 86 -18.09 6.28 -5.41
N ILE A 87 -18.05 7.44 -6.06
CA ILE A 87 -17.07 7.71 -7.11
C ILE A 87 -15.66 7.55 -6.55
N ALA A 88 -15.39 8.23 -5.44
CA ALA A 88 -14.05 8.23 -4.86
C ALA A 88 -13.54 6.82 -4.58
N LEU A 89 -14.35 6.00 -3.92
CA LEU A 89 -13.95 4.65 -3.54
C LEU A 89 -13.72 3.75 -4.75
N LEU A 90 -14.54 3.91 -5.78
CA LEU A 90 -14.38 3.11 -6.97
C LEU A 90 -13.13 3.52 -7.75
N LYS A 91 -12.91 4.83 -7.88
CA LYS A 91 -11.74 5.28 -8.62
C LYS A 91 -10.48 4.69 -7.99
N ALA A 92 -10.42 4.67 -6.66
CA ALA A 92 -9.27 4.10 -5.98
C ALA A 92 -9.26 2.56 -6.09
N SER A 93 -10.43 1.95 -5.88
CA SER A 93 -10.57 0.49 -5.79
C SER A 93 -10.27 -0.25 -7.08
N THR A 94 -10.68 0.32 -8.20
CA THR A 94 -10.88 -0.50 -9.38
C THR A 94 -9.63 -1.29 -9.79
N ILE A 95 -8.46 -0.64 -9.72
CA ILE A 95 -7.26 -1.25 -10.26
C ILE A 95 -6.80 -2.35 -9.32
N GLU A 96 -7.05 -2.15 -8.02
CA GLU A 96 -6.65 -3.15 -7.04
C GLU A 96 -7.53 -4.39 -7.15
N ILE A 97 -8.83 -4.20 -7.31
CA ILE A 97 -9.73 -5.33 -7.48
C ILE A 97 -9.49 -6.07 -8.80
N LEU A 99 -6.54 -6.40 -10.07
CA LEU A 99 -5.34 -7.17 -9.88
C LEU A 99 -5.62 -8.45 -9.07
N LEU A 100 -6.51 -8.35 -8.09
CA LEU A 100 -7.04 -9.52 -7.41
C LEU A 100 -7.71 -10.53 -8.36
N GLU A 101 -8.49 -10.05 -9.32
CA GLU A 101 -9.14 -10.94 -10.24
C GLU A 101 -8.16 -11.47 -11.29
N THR A 102 -7.14 -10.69 -11.61
CA THR A 102 -6.11 -11.21 -12.48
C THR A 102 -5.36 -12.35 -11.80
N ALA A 103 -5.07 -12.18 -10.51
CA ALA A 103 -4.40 -13.23 -9.74
C ALA A 103 -5.23 -14.50 -9.78
N ARG A 104 -6.54 -14.31 -9.78
CA ARG A 104 -7.49 -15.41 -9.75
C ARG A 104 -7.50 -16.20 -11.08
N ARG A 105 -6.91 -15.63 -12.11
CA ARG A 105 -6.85 -16.30 -13.41
C ARG A 105 -5.42 -16.74 -13.77
N TYR A 106 -4.52 -16.65 -12.81
CA TYR A 106 -3.11 -16.92 -13.05
C TYR A 106 -2.81 -18.41 -12.98
N ASN A 107 -2.05 -18.89 -13.96
CA ASN A 107 -1.59 -20.27 -13.96
C ASN A 107 -0.12 -20.29 -13.58
N HIS A 108 0.18 -20.83 -12.40
CA HIS A 108 1.54 -20.78 -11.86
C HIS A 108 2.51 -21.69 -12.61
N GLU A 109 2.00 -22.74 -13.23
CA GLU A 109 2.86 -23.72 -13.88
C GLU A 109 3.48 -23.17 -15.15
N THR A 110 2.71 -22.42 -15.92
CA THR A 110 3.21 -21.84 -17.17
C THR A 110 3.31 -20.32 -17.13
N GLU A 111 2.88 -19.74 -16.00
CA GLU A 111 2.99 -18.31 -15.80
C GLU A 111 2.29 -17.50 -16.88
N CYS A 112 1.01 -17.72 -17.03
CA CYS A 112 0.21 -16.92 -17.91
C CYS A 112 -1.12 -16.70 -17.24
N ILE A 113 -1.86 -15.74 -17.77
CA ILE A 113 -3.14 -15.36 -17.21
C ILE A 113 -4.17 -15.59 -18.31
N THR A 114 -5.24 -16.29 -17.95
CA THR A 114 -6.32 -16.54 -18.90
C THR A 114 -7.39 -15.47 -18.77
N PHE A 115 -7.52 -14.61 -19.78
CA PHE A 115 -8.45 -13.49 -19.69
C PHE A 115 -9.84 -13.75 -20.26
N LEU A 116 -9.96 -14.74 -21.13
CA LEU A 116 -11.26 -15.06 -21.70
C LEU A 116 -11.76 -16.45 -21.33
N LYS A 117 -11.49 -17.44 -22.17
CA LYS A 117 -11.88 -18.81 -21.85
C LYS A 117 -10.71 -19.78 -22.01
N ASP A 118 -10.13 -19.79 -23.20
CA ASP A 118 -9.00 -20.66 -23.49
C ASP A 118 -7.78 -19.85 -23.95
N PHE A 119 -7.95 -18.54 -24.05
CA PHE A 119 -6.84 -17.66 -24.40
C PHE A 119 -5.98 -17.35 -23.20
N THR A 120 -4.68 -17.52 -23.36
CA THR A 120 -3.75 -17.26 -22.27
C THR A 120 -2.77 -16.16 -22.67
N TYR A 121 -2.48 -15.27 -21.71
CA TYR A 121 -1.54 -14.19 -21.95
C TYR A 121 -0.28 -14.35 -21.11
N SER A 122 0.86 -14.24 -21.78
CA SER A 122 2.13 -14.32 -21.09
C SER A 122 2.79 -12.96 -20.97
N LYS A 123 3.95 -12.93 -20.32
CA LYS A 123 4.66 -11.68 -20.16
C LYS A 123 4.96 -11.03 -21.51
N ASP A 124 5.36 -11.84 -22.49
CA ASP A 124 5.63 -11.31 -23.82
C ASP A 124 4.37 -10.75 -24.49
N ASP A 125 3.24 -11.41 -24.25
CA ASP A 125 1.94 -10.93 -24.72
C ASP A 125 1.63 -9.56 -24.13
N PHE A 126 1.81 -9.41 -22.83
CA PHE A 126 1.63 -8.12 -22.18
C PHE A 126 2.59 -7.13 -22.81
N HIS A 127 3.78 -7.58 -23.15
CA HIS A 127 4.79 -6.69 -23.69
C HIS A 127 4.47 -6.24 -25.11
N ARG A 128 3.92 -7.14 -25.90
CA ARG A 128 3.53 -6.81 -27.27
C ARG A 128 2.31 -5.90 -27.32
N ALA A 129 1.71 -5.61 -26.16
CA ALA A 129 0.60 -4.66 -26.09
C ALA A 129 1.07 -3.29 -25.59
N GLY A 130 2.37 -3.08 -25.60
CA GLY A 130 2.89 -1.76 -25.25
C GLY A 130 3.15 -1.54 -23.77
N LEU A 131 2.90 -2.56 -22.94
CA LEU A 131 3.17 -2.43 -21.51
C LEU A 131 4.64 -2.60 -21.19
N GLN A 132 5.09 -1.95 -20.13
CA GLN A 132 6.49 -1.98 -19.75
C GLN A 132 6.78 -3.03 -18.68
N VAL A 133 7.99 -3.58 -18.69
CA VAL A 133 8.29 -4.73 -17.83
C VAL A 133 8.19 -4.37 -16.35
N GLU A 134 8.41 -3.09 -16.04
CA GLU A 134 8.39 -2.64 -14.65
C GLU A 134 6.99 -2.70 -14.03
N PHE A 135 5.99 -2.77 -14.89
CA PHE A 135 4.62 -2.98 -14.46
C PHE A 135 4.30 -4.47 -14.59
N ILE A 136 4.68 -5.04 -15.73
CA ILE A 136 4.37 -6.43 -16.03
C ILE A 136 4.84 -7.37 -14.92
N ASN A 137 6.10 -7.25 -14.53
CA ASN A 137 6.64 -8.23 -13.61
C ASN A 137 6.02 -8.17 -12.23
N PRO A 138 5.77 -6.96 -11.70
CA PRO A 138 5.03 -6.85 -10.44
C PRO A 138 3.62 -7.43 -10.46
N ILE A 139 2.96 -7.41 -11.61
CA ILE A 139 1.67 -8.08 -11.76
C ILE A 139 1.78 -9.59 -11.61
N PHE A 140 2.76 -10.18 -12.29
CA PHE A 140 2.94 -11.63 -12.24
C PHE A 140 3.44 -12.04 -10.86
N GLU A 141 4.25 -11.19 -10.27
CA GLU A 141 4.81 -11.45 -8.96
C GLU A 141 3.66 -11.57 -7.96
N PHE A 142 2.78 -10.57 -7.98
CA PHE A 142 1.65 -10.54 -7.05
C PHE A 142 0.69 -11.70 -7.33
N SER A 143 0.42 -11.97 -8.61
CA SER A 143 -0.49 -13.05 -8.95
C SER A 143 0.06 -14.35 -8.40
N ARG A 144 1.38 -14.50 -8.47
CA ARG A 144 2.07 -15.68 -7.98
C ARG A 144 1.92 -15.79 -6.46
N ALA A 145 2.16 -14.69 -5.76
CA ALA A 145 2.03 -14.66 -4.33
C ALA A 145 0.61 -14.96 -3.88
N ARG A 147 -1.61 -16.85 -5.21
CA ARG A 147 -1.95 -18.26 -5.37
C ARG A 147 -1.36 -19.06 -4.22
N ARG A 148 -0.20 -18.64 -3.74
CA ARG A 148 0.32 -19.24 -2.54
C ARG A 148 -0.72 -19.18 -1.43
N LEU A 149 -1.50 -18.10 -1.41
CA LEU A 149 -2.44 -17.89 -0.31
C LEU A 149 -3.73 -18.71 -0.46
N GLY A 150 -4.10 -19.02 -1.70
CA GLY A 150 -5.19 -19.93 -1.94
C GLY A 150 -6.51 -19.54 -1.29
N LEU A 151 -6.99 -18.32 -1.58
CA LEU A 151 -8.24 -17.86 -1.00
C LEU A 151 -9.37 -18.65 -1.66
N ASP A 152 -10.44 -18.91 -0.91
CA ASP A 152 -11.66 -19.45 -1.48
C ASP A 152 -12.66 -18.31 -1.78
N ASP A 153 -13.82 -18.67 -2.33
CA ASP A 153 -14.84 -17.69 -2.75
C ASP A 153 -15.17 -16.71 -1.65
N ALA A 154 -15.43 -17.22 -0.46
CA ALA A 154 -15.82 -16.36 0.66
C ALA A 154 -14.72 -15.34 1.01
N GLU A 155 -13.45 -15.76 1.02
CA GLU A 155 -12.36 -14.87 1.40
C GLU A 155 -12.07 -13.82 0.32
N TYR A 156 -12.12 -14.21 -0.94
CA TYR A 156 -12.03 -13.24 -2.02
C TYR A 156 -13.12 -12.18 -1.92
N ALA A 157 -14.35 -12.62 -1.67
CA ALA A 157 -15.48 -11.71 -1.72
C ALA A 157 -15.39 -10.72 -0.58
N LEU A 158 -14.99 -11.20 0.59
CA LEU A 158 -14.84 -10.33 1.75
C LEU A 158 -13.69 -9.34 1.56
N LEU A 159 -12.55 -9.84 1.08
CA LEU A 159 -11.38 -8.98 0.89
C LEU A 159 -11.69 -7.82 -0.04
N ILE A 160 -12.51 -8.09 -1.05
CA ILE A 160 -12.89 -7.07 -2.01
C ILE A 160 -13.84 -6.06 -1.38
N ALA A 161 -14.74 -6.55 -0.55
CA ALA A 161 -15.64 -5.68 0.19
C ALA A 161 -14.81 -4.75 1.05
N ILE A 162 -13.80 -5.32 1.70
CA ILE A 162 -12.97 -4.59 2.65
C ILE A 162 -12.13 -3.55 1.95
N ASN A 163 -11.60 -3.93 0.79
CA ASN A 163 -10.82 -3.03 -0.04
C ASN A 163 -11.68 -1.85 -0.53
N ILE A 164 -12.93 -2.10 -0.90
CA ILE A 164 -13.82 -1.03 -1.37
C ILE A 164 -14.04 0.01 -0.26
N PHE A 165 -14.29 -0.48 0.94
CA PHE A 165 -14.57 0.42 2.07
C PHE A 165 -13.30 0.80 2.80
N SER A 166 -12.35 1.38 2.07
CA SER A 166 -11.15 1.92 2.70
C SER A 166 -11.32 3.43 2.93
N ALA A 167 -11.44 3.84 4.19
CA ALA A 167 -11.63 5.27 4.48
C ALA A 167 -10.41 6.08 4.03
N ASP A 168 -9.31 5.37 3.83
CA ASP A 168 -8.04 5.90 3.32
C ASP A 168 -8.09 6.72 2.03
N ARG A 169 -9.11 6.53 1.20
CA ARG A 169 -8.98 6.94 -0.19
C ARG A 169 -9.06 8.46 -0.36
N PRO A 170 -8.52 8.97 -1.48
CA PRO A 170 -8.58 10.39 -1.84
C PRO A 170 -10.00 10.90 -2.08
N ASN A 171 -10.30 12.06 -1.51
CA ASN A 171 -11.54 12.78 -1.79
C ASN A 171 -12.77 12.08 -1.24
N VAL A 172 -12.55 11.29 -0.21
CA VAL A 172 -13.64 10.70 0.55
C VAL A 172 -14.15 11.80 1.48
N GLN A 173 -15.43 12.09 1.39
CA GLN A 173 -16.02 13.13 2.24
C GLN A 173 -16.39 12.63 3.65
N GLU A 174 -16.89 11.40 3.75
CA GLU A 174 -17.26 10.87 5.06
C GLU A 174 -16.47 9.62 5.46
N PRO A 175 -15.22 9.80 5.90
CA PRO A 175 -14.37 8.66 6.25
C PRO A 175 -15.02 7.75 7.27
N GLY A 176 -15.69 8.35 8.25
CA GLY A 176 -16.25 7.59 9.35
C GLY A 176 -17.35 6.65 8.92
N ARG A 177 -18.17 7.08 7.97
CA ARG A 177 -19.18 6.22 7.40
C ARG A 177 -18.51 5.02 6.78
N VAL A 178 -17.49 5.31 5.97
CA VAL A 178 -16.76 4.29 5.23
C VAL A 178 -16.08 3.30 6.16
N GLU A 179 -15.45 3.80 7.22
CA GLU A 179 -14.78 2.91 8.15
C GLU A 179 -15.78 2.14 8.99
N ALA A 180 -16.99 2.68 9.11
CA ALA A 180 -18.05 1.97 9.82
C ALA A 180 -18.63 0.82 9.00
N LEU A 181 -18.70 0.99 7.68
CA LEU A 181 -19.22 -0.06 6.81
C LEU A 181 -18.25 -1.23 6.73
N GLN A 182 -16.96 -0.92 6.79
CA GLN A 182 -15.91 -1.91 6.61
C GLN A 182 -15.80 -2.89 7.79
N GLN A 183 -16.17 -2.44 8.98
CA GLN A 183 -15.99 -3.22 10.20
C GLN A 183 -16.62 -4.61 10.16
N PRO A 184 -17.93 -4.69 9.87
CA PRO A 184 -18.60 -6.00 9.86
C PRO A 184 -18.00 -6.99 8.87
N TYR A 185 -17.52 -6.46 7.74
CA TYR A 185 -16.81 -7.26 6.75
C TYR A 185 -15.43 -7.70 7.23
N VAL A 186 -14.76 -6.84 7.96
CA VAL A 186 -13.48 -7.19 8.53
C VAL A 186 -13.68 -8.24 9.60
N GLU A 187 -14.68 -8.05 10.45
CA GLU A 187 -14.98 -9.00 11.51
C GLU A 187 -15.36 -10.37 10.94
N ALA A 188 -16.19 -10.37 9.91
CA ALA A 188 -16.59 -11.61 9.23
C ALA A 188 -15.39 -12.37 8.67
N LEU A 189 -14.50 -11.68 7.97
CA LEU A 189 -13.27 -12.30 7.49
C LEU A 189 -12.48 -12.88 8.66
N LEU A 190 -12.42 -12.13 9.74
CA LEU A 190 -11.67 -12.55 10.91
C LEU A 190 -12.28 -13.82 11.51
N SER A 191 -13.59 -13.83 11.73
CA SER A 191 -14.23 -15.05 12.24
C SER A 191 -14.15 -16.19 11.23
N TYR A 192 -14.30 -15.88 9.95
CA TYR A 192 -14.34 -16.94 8.96
C TYR A 192 -13.04 -17.74 8.89
N THR A 193 -11.91 -17.04 9.02
CA THR A 193 -10.62 -17.70 8.86
C THR A 193 -10.24 -18.49 10.11
N ARG A 194 -10.59 -17.99 11.29
CA ARG A 194 -10.37 -18.74 12.50
C ARG A 194 -11.07 -20.09 12.44
N ILE A 195 -12.28 -20.10 11.92
CA ILE A 195 -13.07 -21.32 11.86
C ILE A 195 -12.57 -22.30 10.80
N LYS A 196 -12.34 -21.82 9.59
CA LYS A 196 -11.96 -22.71 8.50
C LYS A 196 -10.50 -23.14 8.63
N ARG A 197 -9.68 -22.29 9.23
CA ARG A 197 -8.25 -22.59 9.36
C ARG A 197 -7.74 -22.18 10.73
N PRO A 198 -8.17 -22.92 11.77
CA PRO A 198 -7.90 -22.58 13.17
C PRO A 198 -6.42 -22.67 13.53
N GLN A 199 -5.69 -23.54 12.84
CA GLN A 199 -4.28 -23.76 13.16
C GLN A 199 -3.37 -22.70 12.54
N ASP A 200 -3.81 -22.08 11.46
CA ASP A 200 -3.06 -20.98 10.86
C ASP A 200 -3.52 -19.64 11.42
N GLN A 201 -2.84 -19.19 12.46
CA GLN A 201 -3.26 -17.97 13.15
C GLN A 201 -2.97 -16.69 12.37
N LEU A 202 -2.20 -16.82 11.29
CA LEU A 202 -1.76 -15.62 10.57
C LEU A 202 -2.50 -15.35 9.25
N ARG A 203 -3.46 -16.19 8.91
CA ARG A 203 -4.10 -16.07 7.59
C ARG A 203 -4.76 -14.72 7.41
N PHE A 204 -5.49 -14.30 8.44
CA PHE A 204 -6.12 -12.99 8.43
C PHE A 204 -5.08 -11.88 8.20
N PRO A 205 -3.97 -11.90 8.94
CA PRO A 205 -2.92 -10.91 8.72
C PRO A 205 -2.31 -10.96 7.32
N ARG A 206 -2.06 -12.16 6.81
CA ARG A 206 -1.45 -12.27 5.50
C ARG A 206 -2.35 -11.65 4.44
N LEU A 208 -4.64 -9.21 4.82
CA LEU A 208 -4.57 -7.77 4.93
C LEU A 208 -3.28 -7.26 4.29
N LYS A 210 -1.96 -8.14 1.82
CA LYS A 210 -2.13 -8.07 0.38
C LYS A 210 -2.70 -6.71 -0.03
N LEU A 211 -3.48 -6.10 0.86
CA LEU A 211 -3.97 -4.76 0.64
C LEU A 211 -2.82 -3.77 0.58
N VAL A 212 -1.74 -4.09 1.28
CA VAL A 212 -0.55 -3.26 1.26
C VAL A 212 0.09 -3.38 -0.12
N SER A 213 0.23 -4.60 -0.61
CA SER A 213 0.85 -4.82 -1.91
C SER A 213 0.08 -4.14 -3.01
N LEU A 214 -1.25 -4.27 -2.94
CA LEU A 214 -2.11 -3.74 -3.98
C LEU A 214 -1.93 -2.24 -4.08
N ARG A 215 -1.68 -1.60 -2.94
CA ARG A 215 -1.56 -0.15 -2.91
C ARG A 215 -0.33 0.32 -3.66
N THR A 216 0.80 -0.35 -3.45
CA THR A 216 1.98 -0.08 -4.25
C THR A 216 1.67 -0.34 -5.74
N LEU A 217 1.14 -1.51 -6.03
CA LEU A 217 0.78 -1.87 -7.40
C LEU A 217 -0.07 -0.79 -8.09
N SER A 218 -0.95 -0.16 -7.33
CA SER A 218 -1.75 0.93 -7.87
C SER A 218 -0.84 2.07 -8.35
N SER A 219 0.16 2.38 -7.54
CA SER A 219 1.12 3.42 -7.89
C SER A 219 1.93 3.04 -9.14
N VAL A 220 2.25 1.77 -9.28
CA VAL A 220 2.98 1.32 -10.46
C VAL A 220 2.13 1.47 -11.73
N HIS A 221 0.83 1.20 -11.58
CA HIS A 221 -0.09 1.30 -12.70
C HIS A 221 -0.24 2.76 -13.18
N SER A 222 -0.34 3.68 -12.23
CA SER A 222 -0.40 5.10 -12.57
C SER A 222 0.77 5.49 -13.45
N GLU A 223 1.96 5.03 -13.07
CA GLU A 223 3.17 5.32 -13.81
C GLU A 223 3.08 4.71 -15.19
N GLN A 224 2.43 3.54 -15.29
CA GLN A 224 2.22 2.95 -16.59
C GLN A 224 1.32 3.87 -17.42
N VAL A 225 0.26 4.38 -16.80
CA VAL A 225 -0.69 5.22 -17.51
C VAL A 225 -0.01 6.48 -18.01
N PHE A 226 0.85 7.04 -17.17
CA PHE A 226 1.61 8.24 -17.51
C PHE A 226 2.60 7.94 -18.64
N ALA A 227 3.25 6.78 -18.57
CA ALA A 227 4.23 6.40 -19.57
C ALA A 227 3.57 6.14 -20.93
N LEU A 228 2.25 5.94 -20.92
CA LEU A 228 1.52 5.70 -22.15
C LEU A 228 1.22 7.02 -22.86
N ARG A 229 1.06 8.08 -22.08
CA ARG A 229 0.86 9.42 -22.64
C ARG A 229 2.06 9.80 -23.48
N LEU A 230 3.22 9.88 -22.86
CA LEU A 230 4.46 10.16 -23.56
C LEU A 230 4.68 9.21 -24.74
N GLN A 231 3.78 8.26 -24.93
CA GLN A 231 3.92 7.30 -26.01
C GLN A 231 2.75 7.33 -26.97
N ASP A 232 1.92 8.35 -26.84
CA ASP A 232 0.85 8.60 -27.80
C ASP A 232 -0.35 7.67 -27.63
N LYS A 233 -0.27 6.77 -26.65
CA LYS A 233 -1.41 5.91 -26.34
C LYS A 233 -2.26 6.49 -25.24
N LYS A 234 -3.53 6.77 -25.56
CA LYS A 234 -4.46 7.33 -24.60
C LYS A 234 -5.53 6.31 -24.22
N LEU A 235 -6.06 6.44 -23.00
CA LEU A 235 -7.10 5.54 -22.52
C LEU A 235 -8.45 5.85 -23.16
N PRO A 236 -9.25 4.81 -23.41
CA PRO A 236 -10.63 5.01 -23.85
C PRO A 236 -11.41 5.77 -22.79
N PRO A 237 -12.60 6.27 -23.13
CA PRO A 237 -13.31 7.20 -22.25
C PRO A 237 -13.51 6.71 -20.82
N LEU A 238 -14.06 5.50 -20.65
CA LEU A 238 -14.33 5.02 -19.30
C LEU A 238 -13.06 4.94 -18.45
N LEU A 239 -12.03 4.31 -18.99
CA LEU A 239 -10.78 4.17 -18.25
C LEU A 239 -10.20 5.55 -17.96
N SER A 240 -10.22 6.44 -18.95
CA SER A 240 -9.73 7.79 -18.76
C SER A 240 -10.45 8.46 -17.61
N GLU A 241 -11.77 8.38 -17.66
CA GLU A 241 -12.62 8.88 -16.58
C GLU A 241 -12.07 8.43 -15.22
N ILE A 242 -11.59 7.19 -15.16
CA ILE A 242 -11.17 6.58 -13.90
C ILE A 242 -9.73 6.86 -13.51
N TRP A 243 -8.82 6.87 -14.48
CA TRP A 243 -7.40 6.88 -14.15
C TRP A 243 -6.60 8.10 -14.59
N ASP A 244 -7.12 8.88 -15.54
CA ASP A 244 -6.34 10.02 -16.04
C ASP A 244 -6.30 11.19 -15.06
N VAL A 245 -5.27 12.01 -15.17
CA VAL A 245 -5.15 13.24 -14.37
C VAL A 245 -4.66 14.41 -15.22
N ASP B 1 -18.63 15.77 -14.74
CA ASP B 1 -17.47 14.95 -14.28
C ASP B 1 -17.86 13.48 -14.09
N HIS B 2 -16.99 12.59 -14.52
CA HIS B 2 -17.19 11.16 -14.32
C HIS B 2 -18.54 10.71 -14.87
N GLN B 3 -18.79 11.05 -16.12
CA GLN B 3 -20.12 10.85 -16.70
C GLN B 3 -20.49 9.39 -16.90
N LEU B 4 -19.63 8.63 -17.56
CA LEU B 4 -19.94 7.25 -17.92
C LEU B 4 -20.01 6.39 -16.65
N LEU B 5 -19.21 6.78 -15.66
CA LEU B 5 -19.23 6.13 -14.36
C LEU B 5 -20.54 6.44 -13.65
N ARG B 6 -20.91 7.72 -13.63
CA ARG B 6 -22.18 8.11 -13.04
C ARG B 6 -23.32 7.34 -13.67
N TYR B 7 -23.20 7.03 -14.97
CA TYR B 7 -24.19 6.19 -15.59
C TYR B 7 -24.23 4.81 -14.94
N LEU B 8 -23.11 4.09 -15.01
CA LEU B 8 -23.02 2.72 -14.54
C LEU B 8 -23.62 2.56 -13.15
N LEU B 9 -23.41 3.55 -12.30
CA LEU B 9 -23.94 3.51 -10.95
C LEU B 9 -25.46 3.69 -10.92
N ASP B 10 -25.98 4.35 -11.94
CA ASP B 10 -27.40 4.70 -11.98
C ASP B 10 -28.28 3.63 -12.62
N LYS B 11 -27.69 2.80 -13.47
CA LYS B 11 -28.45 1.77 -14.17
C LYS B 11 -29.40 1.02 -13.24
N ASP B 12 -30.67 0.94 -13.65
CA ASP B 12 -31.67 0.14 -12.94
C ASP B 12 -32.19 0.85 -11.69
N GLN C 5 -0.19 -13.27 28.74
CA GLN C 5 0.57 -14.51 28.39
C GLN C 5 1.36 -14.39 27.07
N LEU C 6 2.43 -13.60 27.09
CA LEU C 6 3.44 -13.64 26.04
C LEU C 6 4.50 -14.65 26.46
N THR C 7 5.10 -15.35 25.50
CA THR C 7 6.16 -16.28 25.85
C THR C 7 7.28 -15.50 26.51
N ALA C 8 8.21 -16.20 27.15
CA ALA C 8 9.32 -15.53 27.82
C ALA C 8 10.19 -14.80 26.79
N ALA C 9 10.43 -15.46 25.66
CA ALA C 9 11.22 -14.87 24.58
C ALA C 9 10.56 -13.60 24.07
N GLN C 10 9.30 -13.69 23.67
CA GLN C 10 8.58 -12.56 23.11
C GLN C 10 8.70 -11.32 23.98
N GLU C 11 8.48 -11.49 25.27
CA GLU C 11 8.47 -10.35 26.19
C GLU C 11 9.86 -9.72 26.22
N LEU C 12 10.88 -10.57 26.13
CA LEU C 12 12.27 -10.12 26.18
C LEU C 12 12.61 -9.44 24.88
N ILE C 14 10.87 -8.04 22.87
CA ILE C 14 10.17 -6.76 22.74
C ILE C 14 10.86 -5.67 23.55
N GLN C 15 11.40 -6.06 24.69
CA GLN C 15 12.17 -5.13 25.52
C GLN C 15 13.44 -4.72 24.79
N GLN C 16 14.07 -5.68 24.12
CA GLN C 16 15.30 -5.39 23.39
C GLN C 16 15.04 -4.49 22.18
N LEU C 17 13.89 -4.66 21.54
CA LEU C 17 13.49 -3.78 20.45
C LEU C 17 13.34 -2.37 20.94
N VAL C 18 12.54 -2.19 22.00
CA VAL C 18 12.27 -0.87 22.54
C VAL C 18 13.56 -0.24 23.06
N ALA C 19 14.41 -1.05 23.68
CA ALA C 19 15.71 -0.58 24.12
C ALA C 19 16.43 -0.02 22.91
N ALA C 20 16.67 -0.89 21.93
CA ALA C 20 17.34 -0.55 20.69
C ALA C 20 16.84 0.77 20.12
N GLN C 21 15.52 0.92 20.10
CA GLN C 21 14.92 2.05 19.42
C GLN C 21 15.07 3.33 20.24
N LEU C 22 15.04 3.21 21.56
CA LEU C 22 15.33 4.34 22.44
C LEU C 22 16.79 4.76 22.29
N GLN C 23 17.69 3.79 22.38
CA GLN C 23 19.11 4.05 22.25
C GLN C 23 19.41 4.75 20.93
N CYS C 24 18.53 4.55 19.94
CA CYS C 24 18.71 5.17 18.64
C CYS C 24 18.12 6.58 18.61
N ASN C 25 17.06 6.79 19.39
CA ASN C 25 16.44 8.10 19.47
C ASN C 25 17.37 9.07 20.21
N LYS C 26 18.24 8.51 21.05
CA LYS C 26 19.14 9.30 21.89
C LYS C 26 20.52 9.46 21.26
N ARG C 27 20.89 8.49 20.43
CA ARG C 27 22.22 8.44 19.84
C ARG C 27 22.31 9.30 18.59
N PRO C 33 23.54 16.30 17.42
CA PRO C 33 24.12 16.45 16.08
C PRO C 33 23.75 17.77 15.42
N LYS C 34 24.59 18.21 14.49
CA LYS C 34 24.55 19.57 13.98
C LYS C 34 23.94 19.64 12.58
N VAL C 35 23.02 20.57 12.38
CA VAL C 35 22.43 20.77 11.06
C VAL C 35 22.37 22.25 10.71
N THR C 36 22.24 22.54 9.42
CA THR C 36 22.12 23.90 8.93
C THR C 36 20.97 24.61 9.63
N PRO C 37 21.29 25.51 10.56
CA PRO C 37 20.27 26.12 11.42
C PRO C 37 19.11 26.74 10.64
N TRP C 38 17.94 26.75 11.26
CA TRP C 38 16.74 27.26 10.61
C TRP C 38 16.83 28.79 10.52
N PRO C 39 16.49 29.35 9.35
CA PRO C 39 16.53 30.80 9.12
C PRO C 39 15.62 31.60 10.05
N LEU C 40 15.94 32.88 10.22
CA LEU C 40 15.09 33.78 10.99
C LEU C 40 14.69 35.00 10.15
N ASP C 48 17.26 32.20 -1.26
CA ASP C 48 18.31 31.85 -0.32
C ASP C 48 17.72 31.45 1.03
N ALA C 49 16.82 32.28 1.54
CA ALA C 49 16.16 31.99 2.81
C ALA C 49 15.34 30.70 2.64
N ARG C 50 14.73 30.57 1.47
CA ARG C 50 13.95 29.38 1.13
C ARG C 50 14.84 28.14 1.04
N GLN C 51 16.01 28.31 0.43
CA GLN C 51 16.93 27.21 0.16
C GLN C 51 17.56 26.69 1.45
N GLN C 52 17.82 27.59 2.38
CA GLN C 52 18.42 27.22 3.66
C GLN C 52 17.45 26.36 4.44
N ARG C 53 16.16 26.55 4.18
CA ARG C 53 15.12 25.77 4.85
C ARG C 53 15.05 24.35 4.28
N PHE C 54 15.06 24.27 2.94
CA PHE C 54 15.05 22.98 2.26
C PHE C 54 16.23 22.13 2.68
N ALA C 55 17.42 22.70 2.58
CA ALA C 55 18.64 22.01 3.00
C ALA C 55 18.49 21.51 4.42
N HIS C 56 17.96 22.37 5.28
CA HIS C 56 17.73 22.04 6.67
C HIS C 56 16.96 20.71 6.81
N PHE C 57 15.96 20.52 5.95
CA PHE C 57 15.15 19.31 6.02
C PHE C 57 15.91 18.11 5.50
N THR C 58 16.55 18.25 4.34
CA THR C 58 17.27 17.15 3.72
C THR C 58 18.33 16.63 4.68
N GLU C 59 18.75 17.47 5.61
CA GLU C 59 19.76 17.06 6.56
C GLU C 59 19.12 16.37 7.75
N LEU C 60 17.86 16.67 8.00
CA LEU C 60 17.11 15.93 9.01
C LEU C 60 16.87 14.52 8.49
N ALA C 61 16.46 14.44 7.23
CA ALA C 61 16.27 13.16 6.55
C ALA C 61 17.54 12.30 6.59
N ILE C 62 18.66 12.88 6.18
CA ILE C 62 19.94 12.18 6.24
C ILE C 62 20.21 11.62 7.62
N ILE C 63 19.92 12.40 8.65
CA ILE C 63 20.14 11.95 10.03
C ILE C 63 19.20 10.82 10.43
N SER C 64 17.93 10.90 10.05
CA SER C 64 17.04 9.81 10.40
C SER C 64 17.37 8.53 9.63
N VAL C 65 17.73 8.65 8.35
CA VAL C 65 18.15 7.48 7.59
C VAL C 65 19.21 6.72 8.39
N GLN C 66 20.06 7.47 9.08
CA GLN C 66 21.16 6.88 9.81
C GLN C 66 20.68 6.17 11.06
N GLU C 67 19.67 6.71 11.73
CA GLU C 67 19.13 6.07 12.92
C GLU C 67 18.42 4.79 12.50
N ILE C 68 17.65 4.90 11.42
CA ILE C 68 16.88 3.77 10.91
C ILE C 68 17.75 2.57 10.56
N VAL C 69 18.86 2.80 9.86
CA VAL C 69 19.79 1.72 9.55
C VAL C 69 20.38 1.18 10.83
N ASP C 70 20.64 2.09 11.76
CA ASP C 70 21.27 1.73 13.01
C ASP C 70 20.32 0.82 13.79
N PHE C 71 19.04 1.18 13.77
CA PHE C 71 18.01 0.33 14.35
C PHE C 71 17.91 -1.03 13.66
N ALA C 72 17.89 -1.03 12.32
CA ALA C 72 17.66 -2.25 11.56
C ALA C 72 18.68 -3.31 11.91
N LYS C 73 19.93 -2.88 12.07
CA LYS C 73 21.03 -3.81 12.31
C LYS C 73 20.80 -4.52 13.62
N GLN C 74 19.96 -3.96 14.47
CA GLN C 74 19.71 -4.53 15.80
C GLN C 74 18.41 -5.31 15.86
N VAL C 75 17.61 -5.23 14.80
CA VAL C 75 16.41 -6.06 14.70
C VAL C 75 16.86 -7.50 14.43
N PRO C 76 16.54 -8.42 15.34
CA PRO C 76 16.96 -9.83 15.20
C PRO C 76 16.52 -10.39 13.87
N GLY C 77 17.41 -11.13 13.20
CA GLY C 77 17.09 -11.70 11.91
C GLY C 77 17.63 -10.89 10.75
N PHE C 78 17.59 -9.57 10.88
CA PHE C 78 17.90 -8.69 9.76
C PHE C 78 19.23 -9.00 9.10
N LEU C 79 20.22 -9.40 9.89
CA LEU C 79 21.56 -9.64 9.34
C LEU C 79 21.72 -11.05 8.79
N GLN C 80 20.62 -11.81 8.79
CA GLN C 80 20.65 -13.12 8.18
C GLN C 80 20.41 -12.95 6.67
N LEU C 81 19.83 -11.81 6.31
CA LEU C 81 19.64 -11.43 4.91
C LEU C 81 20.96 -11.20 4.19
N GLY C 82 21.00 -11.49 2.90
CA GLY C 82 22.13 -11.05 2.11
C GLY C 82 22.17 -9.54 2.10
N ARG C 83 23.29 -8.97 1.68
CA ARG C 83 23.47 -7.52 1.74
C ARG C 83 22.51 -6.80 0.79
N GLU C 84 22.31 -7.35 -0.41
CA GLU C 84 21.45 -6.71 -1.39
C GLU C 84 20.00 -6.62 -0.94
N ASP C 85 19.54 -7.59 -0.14
CA ASP C 85 18.16 -7.57 0.37
C ASP C 85 18.04 -6.60 1.54
N GLN C 86 19.09 -6.53 2.35
CA GLN C 86 19.19 -5.52 3.40
C GLN C 86 19.01 -4.18 2.74
N ILE C 87 19.70 -3.97 1.62
CA ILE C 87 19.61 -2.72 0.88
C ILE C 87 18.21 -2.50 0.39
N ALA C 88 17.64 -3.52 -0.25
CA ALA C 88 16.32 -3.43 -0.85
C ALA C 88 15.23 -3.13 0.16
N LEU C 89 15.27 -3.82 1.29
CA LEU C 89 14.30 -3.58 2.35
C LEU C 89 14.40 -2.15 2.92
N LEU C 90 15.62 -1.68 3.19
CA LEU C 90 15.81 -0.35 3.75
C LEU C 90 15.52 0.77 2.76
N LYS C 91 15.86 0.55 1.49
CA LYS C 91 15.55 1.54 0.48
C LYS C 91 14.04 1.80 0.47
N ALA C 92 13.24 0.77 0.67
CA ALA C 92 11.79 0.93 0.55
C ALA C 92 11.15 1.43 1.85
N SER C 93 11.64 0.94 2.98
CA SER C 93 10.96 1.23 4.24
C SER C 93 11.43 2.51 4.94
N THR C 94 12.59 3.02 4.52
CA THR C 94 13.15 4.28 5.07
C THR C 94 12.15 5.44 5.17
N ILE C 95 11.55 5.84 4.07
CA ILE C 95 10.60 6.93 4.12
C ILE C 95 9.39 6.52 4.97
N GLU C 96 8.98 5.28 4.83
CA GLU C 96 7.83 4.81 5.58
C GLU C 96 8.09 4.81 7.09
N ILE C 97 9.27 4.33 7.50
CA ILE C 97 9.62 4.37 8.91
C ILE C 97 9.76 5.81 9.41
N LEU C 99 7.99 8.42 8.41
CA LEU C 99 6.65 8.98 8.62
C LEU C 99 6.02 8.44 9.90
N LEU C 100 6.36 7.21 10.26
CA LEU C 100 5.99 6.68 11.54
C LEU C 100 6.60 7.48 12.68
N GLU C 101 7.90 7.77 12.58
CA GLU C 101 8.59 8.54 13.61
C GLU C 101 8.04 9.95 13.71
N THR C 102 7.79 10.59 12.57
CA THR C 102 7.14 11.88 12.57
C THR C 102 5.80 11.77 13.31
N ALA C 103 4.95 10.85 12.85
CA ALA C 103 3.63 10.70 13.43
C ALA C 103 3.73 10.57 14.94
N ARG C 104 4.78 9.91 15.39
CA ARG C 104 4.92 9.56 16.80
C ARG C 104 5.33 10.79 17.62
N ARG C 105 5.84 11.81 16.94
CA ARG C 105 6.33 13.00 17.63
C ARG C 105 5.44 14.21 17.29
N TYR C 106 4.18 13.95 17.01
CA TYR C 106 3.24 15.00 16.66
C TYR C 106 2.47 15.46 17.89
N ASN C 107 2.60 16.74 18.23
CA ASN C 107 1.87 17.31 19.35
C ASN C 107 0.53 17.86 18.85
N HIS C 108 -0.57 17.38 19.43
CA HIS C 108 -1.88 17.67 18.90
C HIS C 108 -2.44 19.00 19.40
N GLU C 109 -2.05 19.41 20.60
CA GLU C 109 -2.48 20.71 21.11
C GLU C 109 -1.82 21.82 20.30
N THR C 110 -0.54 21.66 19.98
CA THR C 110 0.21 22.68 19.24
C THR C 110 0.13 22.46 17.73
N GLU C 111 -0.08 21.22 17.33
CA GLU C 111 -0.18 20.85 15.91
C GLU C 111 1.19 20.96 15.23
N CYS C 112 2.23 20.66 15.99
CA CYS C 112 3.59 20.74 15.48
C CYS C 112 4.36 19.46 15.74
N ILE C 113 5.32 19.18 14.86
CA ILE C 113 6.15 17.99 14.98
C ILE C 113 7.50 18.37 15.57
N THR C 114 7.96 17.61 16.57
CA THR C 114 9.18 17.95 17.28
C THR C 114 10.29 16.95 16.95
N PHE C 115 11.41 17.44 16.42
CA PHE C 115 12.27 16.53 15.68
C PHE C 115 13.50 15.91 16.32
N LEU C 116 14.40 16.67 16.92
CA LEU C 116 15.54 16.03 17.54
C LEU C 116 15.39 15.95 19.06
N LYS C 117 15.61 17.07 19.73
CA LYS C 117 15.25 17.20 21.14
C LYS C 117 14.30 18.37 21.35
N ASP C 118 14.48 19.43 20.57
CA ASP C 118 13.78 20.68 20.83
C ASP C 118 12.97 21.23 19.66
N PHE C 119 13.42 20.94 18.46
CA PHE C 119 12.90 21.61 17.28
C PHE C 119 11.41 21.38 17.06
N THR C 120 10.70 22.42 16.64
CA THR C 120 9.26 22.34 16.39
C THR C 120 8.93 22.90 15.01
N TYR C 121 8.05 22.22 14.29
CA TYR C 121 7.69 22.63 12.94
C TYR C 121 6.18 22.59 12.71
N SER C 122 5.66 23.63 12.07
CA SER C 122 4.23 23.74 11.82
C SER C 122 3.90 23.36 10.39
N LYS C 123 2.63 23.07 10.13
CA LYS C 123 2.20 22.78 8.77
C LYS C 123 2.65 23.88 7.82
N ASP C 124 3.04 25.02 8.38
CA ASP C 124 3.44 26.16 7.57
C ASP C 124 4.95 26.20 7.39
N ASP C 125 5.69 25.91 8.45
CA ASP C 125 7.14 25.74 8.35
C ASP C 125 7.46 24.81 7.16
N PHE C 126 6.74 23.69 7.08
CA PHE C 126 6.88 22.75 5.97
C PHE C 126 6.60 23.43 4.64
N HIS C 127 5.71 24.42 4.67
CA HIS C 127 5.38 25.13 3.46
C HIS C 127 6.52 26.06 3.08
N ARG C 128 7.21 26.58 4.10
CA ARG C 128 8.31 27.51 3.87
C ARG C 128 9.56 26.80 3.35
N ALA C 129 9.72 25.52 3.69
CA ALA C 129 10.86 24.75 3.22
C ALA C 129 10.73 24.48 1.72
N GLY C 130 9.50 24.46 1.22
CA GLY C 130 9.30 24.30 -0.21
C GLY C 130 8.45 23.09 -0.56
N LEU C 131 7.96 22.40 0.47
CA LEU C 131 7.11 21.24 0.26
C LEU C 131 5.71 21.69 -0.15
N GLN C 132 4.98 20.84 -0.87
CA GLN C 132 3.64 21.17 -1.33
C GLN C 132 2.54 20.49 -0.52
N VAL C 133 1.39 21.16 -0.40
CA VAL C 133 0.27 20.66 0.39
C VAL C 133 -0.17 19.25 0.01
N GLU C 134 -0.08 18.90 -1.27
CA GLU C 134 -0.43 17.55 -1.71
C GLU C 134 0.34 16.52 -0.88
N PHE C 135 1.51 16.93 -0.39
CA PHE C 135 2.35 16.06 0.42
C PHE C 135 2.29 16.45 1.90
N ILE C 136 2.25 17.75 2.18
CA ILE C 136 2.31 18.24 3.55
C ILE C 136 1.07 17.83 4.35
N ASN C 137 -0.11 18.06 3.77
CA ASN C 137 -1.34 17.77 4.48
C ASN C 137 -1.46 16.30 4.86
N PRO C 138 -1.35 15.39 3.87
CA PRO C 138 -1.51 13.95 4.12
C PRO C 138 -0.58 13.45 5.21
N ILE C 139 0.52 14.17 5.42
CA ILE C 139 1.46 13.83 6.48
C ILE C 139 0.84 14.14 7.82
N PHE C 140 0.16 15.28 7.89
CA PHE C 140 -0.51 15.66 9.12
C PHE C 140 -1.82 14.89 9.36
N GLU C 141 -2.53 14.57 8.28
CA GLU C 141 -3.68 13.68 8.41
C GLU C 141 -3.23 12.36 9.03
N PHE C 142 -2.09 11.86 8.57
CA PHE C 142 -1.56 10.57 9.05
C PHE C 142 -1.06 10.67 10.49
N SER C 143 -0.47 11.81 10.84
CA SER C 143 -0.03 12.02 12.22
C SER C 143 -1.22 12.09 13.18
N ARG C 144 -2.27 12.79 12.78
CA ARG C 144 -3.52 12.82 13.54
C ARG C 144 -4.06 11.40 13.76
N ALA C 145 -4.29 10.68 12.66
CA ALA C 145 -4.89 9.34 12.72
C ALA C 145 -4.03 8.35 13.53
N ARG C 147 -2.46 9.07 16.01
CA ARG C 147 -2.70 9.45 17.40
C ARG C 147 -3.97 8.82 17.96
N ARG C 148 -4.97 8.63 17.10
CA ARG C 148 -6.21 8.02 17.54
C ARG C 148 -5.99 6.58 17.98
N LEU C 149 -5.22 5.83 17.21
CA LEU C 149 -4.92 4.44 17.55
C LEU C 149 -4.21 4.33 18.89
N GLY C 150 -3.47 5.37 19.24
CA GLY C 150 -2.79 5.43 20.52
C GLY C 150 -1.80 4.32 20.80
N LEU C 151 -0.72 4.25 20.03
CA LEU C 151 0.26 3.19 20.19
C LEU C 151 1.28 3.46 21.30
N ASP C 152 1.69 2.40 21.99
CA ASP C 152 2.75 2.52 22.97
C ASP C 152 4.09 2.15 22.36
N ASP C 153 5.15 2.22 23.14
CA ASP C 153 6.49 1.95 22.65
C ASP C 153 6.55 0.60 21.96
N ALA C 154 5.97 -0.42 22.60
CA ALA C 154 6.11 -1.79 22.12
C ALA C 154 5.47 -1.96 20.75
N GLU C 155 4.36 -1.25 20.55
CA GLU C 155 3.61 -1.39 19.33
C GLU C 155 4.35 -0.73 18.17
N TYR C 156 4.83 0.50 18.38
CA TYR C 156 5.64 1.16 17.36
C TYR C 156 6.85 0.33 16.98
N ALA C 157 7.47 -0.31 17.97
CA ALA C 157 8.68 -1.08 17.74
C ALA C 157 8.40 -2.30 16.87
N LEU C 158 7.35 -3.05 17.21
CA LEU C 158 6.96 -4.22 16.41
C LEU C 158 6.48 -3.80 15.03
N LEU C 159 5.72 -2.71 14.98
CA LEU C 159 5.13 -2.28 13.73
C LEU C 159 6.25 -1.94 12.76
N ILE C 160 7.31 -1.33 13.28
CA ILE C 160 8.47 -0.97 12.47
C ILE C 160 9.20 -2.22 12.01
N ALA C 161 9.39 -3.16 12.92
CA ALA C 161 10.00 -4.44 12.58
C ALA C 161 9.20 -5.12 11.47
N ILE C 162 7.88 -5.00 11.54
CA ILE C 162 7.01 -5.66 10.59
C ILE C 162 7.15 -4.98 9.22
N ASN C 163 7.22 -3.66 9.22
CA ASN C 163 7.36 -2.90 8.00
C ASN C 163 8.66 -3.26 7.28
N ILE C 164 9.74 -3.39 8.05
CA ILE C 164 11.04 -3.71 7.48
C ILE C 164 10.99 -5.03 6.70
N PHE C 165 10.46 -6.08 7.33
CA PHE C 165 10.43 -7.39 6.69
C PHE C 165 9.21 -7.58 5.77
N SER C 166 9.14 -6.76 4.73
CA SER C 166 8.09 -6.85 3.74
C SER C 166 8.62 -7.57 2.50
N ALA C 167 8.18 -8.81 2.31
CA ALA C 167 8.71 -9.64 1.21
C ALA C 167 8.43 -9.06 -0.18
N ASP C 168 7.51 -8.11 -0.27
CA ASP C 168 7.13 -7.60 -1.59
C ASP C 168 7.91 -6.38 -2.07
N ARG C 169 8.96 -5.97 -1.36
CA ARG C 169 9.74 -4.82 -1.82
C ARG C 169 10.39 -5.17 -3.15
N PRO C 170 10.51 -4.17 -4.05
CA PRO C 170 11.23 -4.35 -5.31
C PRO C 170 12.60 -5.00 -5.11
N ASN C 171 12.93 -5.96 -5.96
CA ASN C 171 14.29 -6.52 -6.03
C ASN C 171 14.72 -7.40 -4.85
N VAL C 172 13.78 -7.79 -4.00
CA VAL C 172 14.12 -8.77 -2.98
C VAL C 172 14.47 -10.13 -3.59
N GLN C 173 15.61 -10.67 -3.16
CA GLN C 173 16.08 -11.96 -3.67
C GLN C 173 15.55 -13.17 -2.89
N GLU C 174 15.31 -13.01 -1.59
CA GLU C 174 14.82 -14.12 -0.79
C GLU C 174 13.52 -13.79 -0.06
N PRO C 175 12.43 -13.67 -0.83
CA PRO C 175 11.08 -13.33 -0.34
C PRO C 175 10.62 -14.30 0.75
N GLY C 176 10.86 -15.59 0.53
CA GLY C 176 10.42 -16.57 1.51
C GLY C 176 11.05 -16.31 2.86
N ARG C 177 12.36 -16.11 2.87
CA ARG C 177 13.08 -15.85 4.10
C ARG C 177 12.59 -14.56 4.77
N VAL C 178 12.32 -13.53 3.98
CA VAL C 178 11.89 -12.25 4.55
C VAL C 178 10.55 -12.39 5.25
N GLU C 179 9.63 -13.11 4.61
CA GLU C 179 8.32 -13.37 5.20
C GLU C 179 8.45 -14.19 6.48
N ALA C 180 9.34 -15.18 6.48
CA ALA C 180 9.52 -15.97 7.68
C ALA C 180 10.10 -15.10 8.79
N LEU C 181 10.88 -14.09 8.43
CA LEU C 181 11.43 -13.18 9.44
C LEU C 181 10.35 -12.25 9.97
N GLN C 182 9.42 -11.85 9.11
CA GLN C 182 8.35 -10.96 9.54
C GLN C 182 7.38 -11.68 10.46
N GLN C 183 7.24 -12.98 10.26
CA GLN C 183 6.19 -13.73 10.92
C GLN C 183 6.18 -13.56 12.45
N PRO C 184 7.31 -13.81 13.11
CA PRO C 184 7.33 -13.72 14.57
C PRO C 184 6.95 -12.35 15.12
N TYR C 185 7.32 -11.30 14.39
CA TYR C 185 6.94 -9.97 14.82
C TYR C 185 5.43 -9.73 14.70
N VAL C 186 4.80 -10.38 13.73
CA VAL C 186 3.36 -10.25 13.59
C VAL C 186 2.66 -10.97 14.75
N GLU C 187 3.15 -12.17 15.08
CA GLU C 187 2.64 -12.94 16.20
C GLU C 187 2.72 -12.13 17.49
N ALA C 188 3.88 -11.56 17.75
CA ALA C 188 4.09 -10.78 18.96
C ALA C 188 3.16 -9.57 19.01
N LEU C 189 2.97 -8.91 17.88
CA LEU C 189 2.07 -7.76 17.86
C LEU C 189 0.66 -8.25 18.11
N LEU C 190 0.31 -9.39 17.51
CA LEU C 190 -1.06 -9.89 17.61
C LEU C 190 -1.41 -10.16 19.08
N SER C 191 -0.59 -10.97 19.73
CA SER C 191 -0.75 -11.25 21.16
C SER C 191 -0.78 -9.97 21.98
N TYR C 192 0.26 -9.17 21.86
CA TYR C 192 0.35 -7.93 22.63
C TYR C 192 -0.98 -7.18 22.60
N THR C 193 -1.58 -7.08 21.42
CA THR C 193 -2.82 -6.30 21.28
C THR C 193 -4.03 -7.05 21.82
N ARG C 194 -3.90 -8.37 21.95
CA ARG C 194 -4.96 -9.21 22.46
C ARG C 194 -4.97 -9.14 23.99
N ILE C 195 -3.88 -8.63 24.55
CA ILE C 195 -3.73 -8.55 25.99
C ILE C 195 -3.87 -7.12 26.48
N LYS C 196 -3.09 -6.21 25.93
CA LYS C 196 -3.15 -4.81 26.34
C LYS C 196 -4.58 -4.28 26.26
N ARG C 197 -5.34 -4.74 25.27
CA ARG C 197 -6.73 -4.34 25.14
C ARG C 197 -7.58 -5.45 24.57
N PRO C 198 -7.79 -6.53 25.36
CA PRO C 198 -8.53 -7.71 24.90
C PRO C 198 -9.92 -7.27 24.49
N GLN C 199 -10.26 -6.05 24.87
CA GLN C 199 -11.50 -5.40 24.47
C GLN C 199 -11.64 -5.31 22.96
N ASP C 200 -10.78 -4.51 22.33
CA ASP C 200 -10.87 -4.29 20.89
C ASP C 200 -10.08 -5.31 20.07
N GLN C 201 -10.80 -6.14 19.33
CA GLN C 201 -10.17 -7.11 18.45
C GLN C 201 -9.76 -6.46 17.12
N LEU C 202 -10.41 -5.36 16.78
CA LEU C 202 -10.14 -4.68 15.52
C LEU C 202 -8.96 -3.72 15.61
N ARG C 203 -8.26 -3.75 16.75
CA ARG C 203 -7.11 -2.89 16.94
C ARG C 203 -5.92 -3.40 16.13
N PHE C 204 -5.78 -4.72 16.07
CA PHE C 204 -4.70 -5.31 15.28
C PHE C 204 -4.85 -5.02 13.79
N PRO C 205 -6.04 -5.30 13.23
CA PRO C 205 -6.27 -4.97 11.82
C PRO C 205 -5.94 -3.51 11.54
N ARG C 206 -6.47 -2.61 12.38
CA ARG C 206 -6.40 -1.19 12.12
C ARG C 206 -4.96 -0.70 12.08
N LEU C 208 -2.42 -2.65 11.06
CA LEU C 208 -1.88 -3.13 9.81
C LEU C 208 -2.36 -2.28 8.65
N LYS C 210 -2.53 0.76 8.59
CA LYS C 210 -1.66 1.92 8.52
C LYS C 210 -0.47 1.65 7.60
N LEU C 211 0.03 0.42 7.64
CA LEU C 211 1.02 -0.03 6.67
C LEU C 211 0.55 0.21 5.24
N VAL C 212 -0.74 0.04 5.00
CA VAL C 212 -1.32 0.32 3.68
C VAL C 212 -1.18 1.81 3.38
N SER C 213 -1.58 2.64 4.33
CA SER C 213 -1.48 4.09 4.16
C SER C 213 -0.03 4.51 3.89
N LEU C 214 0.91 3.86 4.55
CA LEU C 214 2.32 4.20 4.37
C LEU C 214 2.77 3.99 2.94
N ARG C 215 2.20 3.00 2.26
CA ARG C 215 2.63 2.78 0.88
C ARG C 215 2.18 3.94 0.01
N THR C 216 0.97 4.43 0.26
CA THR C 216 0.45 5.58 -0.46
C THR C 216 1.25 6.83 -0.10
N LEU C 217 1.61 6.97 1.17
CA LEU C 217 2.44 8.09 1.58
C LEU C 217 3.80 8.04 0.88
N SER C 218 4.39 6.86 0.83
CA SER C 218 5.68 6.72 0.15
C SER C 218 5.55 7.20 -1.29
N SER C 219 4.44 6.84 -1.93
CA SER C 219 4.19 7.23 -3.30
C SER C 219 4.06 8.76 -3.43
N VAL C 220 3.30 9.36 -2.51
CA VAL C 220 3.15 10.81 -2.50
C VAL C 220 4.48 11.51 -2.25
N HIS C 221 5.31 10.91 -1.40
CA HIS C 221 6.61 11.47 -1.13
C HIS C 221 7.47 11.52 -2.39
N SER C 222 7.39 10.47 -3.20
CA SER C 222 8.15 10.43 -4.44
C SER C 222 7.75 11.54 -5.41
N GLU C 223 6.45 11.80 -5.49
CA GLU C 223 5.95 12.91 -6.29
C GLU C 223 6.53 14.23 -5.77
N GLN C 224 6.57 14.36 -4.45
CA GLN C 224 7.15 15.54 -3.84
C GLN C 224 8.58 15.71 -4.31
N VAL C 225 9.30 14.60 -4.42
CA VAL C 225 10.69 14.64 -4.84
C VAL C 225 10.79 15.04 -6.31
N PHE C 226 10.01 14.38 -7.15
CA PHE C 226 9.97 14.73 -8.56
C PHE C 226 9.64 16.21 -8.72
N ALA C 227 8.69 16.70 -7.92
CA ALA C 227 8.29 18.10 -7.96
C ALA C 227 9.51 19.00 -7.84
N LEU C 228 10.31 18.79 -6.79
CA LEU C 228 11.48 19.61 -6.54
C LEU C 228 12.45 19.62 -7.72
N ARG C 229 12.35 18.60 -8.57
CA ARG C 229 13.22 18.52 -9.75
C ARG C 229 13.00 19.71 -10.67
N LEU C 230 11.78 20.22 -10.70
CA LEU C 230 11.44 21.36 -11.54
C LEU C 230 11.62 22.67 -10.78
N GLN C 231 11.17 22.67 -9.53
CA GLN C 231 11.23 23.88 -8.70
C GLN C 231 12.67 24.22 -8.30
N ASP C 232 13.63 23.69 -9.07
CA ASP C 232 15.04 24.04 -8.93
C ASP C 232 15.64 23.64 -7.58
N LYS C 233 15.00 22.68 -6.91
CA LYS C 233 15.54 22.16 -5.66
C LYS C 233 15.99 20.71 -5.86
N LYS C 234 17.15 20.38 -5.28
CA LYS C 234 17.65 19.01 -5.34
C LYS C 234 18.28 18.54 -4.03
N LEU C 235 18.30 17.23 -3.83
CA LEU C 235 18.78 16.65 -2.59
C LEU C 235 20.21 16.14 -2.72
N PRO C 236 20.92 16.02 -1.58
CA PRO C 236 22.29 15.50 -1.60
C PRO C 236 22.37 14.19 -2.36
N PRO C 237 23.53 13.90 -2.95
CA PRO C 237 23.67 12.69 -3.78
C PRO C 237 23.30 11.44 -2.99
N LEU C 238 23.61 11.44 -1.71
CA LEU C 238 23.35 10.29 -0.87
C LEU C 238 21.84 10.00 -0.68
N LEU C 239 21.03 11.03 -0.55
CA LEU C 239 19.58 10.84 -0.46
C LEU C 239 19.02 10.59 -1.84
N SER C 240 19.63 11.22 -2.82
CA SER C 240 19.22 11.12 -4.22
C SER C 240 19.26 9.67 -4.68
N GLU C 241 20.28 8.94 -4.27
CA GLU C 241 20.38 7.53 -4.60
C GLU C 241 19.24 6.72 -4.01
N ILE C 242 18.71 7.14 -2.87
CA ILE C 242 17.64 6.41 -2.23
C ILE C 242 16.26 6.74 -2.80
N TRP C 243 16.07 7.97 -3.29
CA TRP C 243 14.73 8.45 -3.61
C TRP C 243 14.45 8.99 -5.02
N ASP C 244 15.43 8.98 -5.92
CA ASP C 244 15.24 9.66 -7.19
C ASP C 244 14.80 8.80 -8.37
N VAL C 245 14.33 9.46 -9.42
CA VAL C 245 13.96 8.76 -10.67
C VAL C 245 14.73 9.35 -11.86
N ASP D 1 26.26 1.67 -5.96
CA ASP D 1 24.84 2.14 -5.83
C ASP D 1 24.42 2.05 -4.38
N HIS D 2 23.52 2.95 -3.98
CA HIS D 2 23.05 3.03 -2.60
C HIS D 2 24.18 3.13 -1.60
N GLN D 3 25.09 4.07 -1.84
CA GLN D 3 26.28 4.23 -1.02
C GLN D 3 25.92 4.61 0.41
N LEU D 4 24.85 5.36 0.60
CA LEU D 4 24.46 5.74 1.95
C LEU D 4 24.13 4.52 2.78
N LEU D 5 23.40 3.57 2.19
CA LEU D 5 23.00 2.38 2.91
C LEU D 5 24.19 1.45 3.06
N ARG D 6 24.98 1.33 2.00
CA ARG D 6 26.12 0.44 2.01
C ARG D 6 27.16 0.89 3.02
N TYR D 7 27.40 2.20 3.06
CA TYR D 7 28.33 2.75 4.04
C TYR D 7 27.80 2.54 5.44
N LEU D 8 26.56 2.93 5.69
CA LEU D 8 25.99 2.78 7.02
C LEU D 8 25.96 1.33 7.50
N LEU D 9 25.78 0.39 6.56
CA LEU D 9 25.74 -1.02 6.92
C LEU D 9 27.13 -1.57 7.27
N ASP D 10 28.15 -1.09 6.57
CA ASP D 10 29.52 -1.56 6.80
C ASP D 10 30.09 -0.91 8.04
N LYS D 11 29.62 0.29 8.33
CA LYS D 11 30.13 1.08 9.44
C LYS D 11 30.15 0.28 10.75
N ASP D 12 31.34 0.17 11.34
CA ASP D 12 31.62 -0.60 12.55
C ASP D 12 32.23 -1.97 12.23
#